data_8PAQ
#
_entry.id   8PAQ
#
_cell.length_a   124.720
_cell.length_b   124.720
_cell.length_c   55.812
_cell.angle_alpha   90.000
_cell.angle_beta   90.000
_cell.angle_gamma   90.000
#
_symmetry.space_group_name_H-M   'P 41 21 2'
#
loop_
_entity.id
_entity.type
_entity.pdbx_description
1 polymer 'POXA3b laccase small subunit'
2 non-polymer 'CALCIUM ION'
3 non-polymer IMIDAZOLE
4 non-polymer 1,2-ETHANEDIOL
5 water water
#
_entity_poly.entity_id   1
_entity_poly.type   'polypeptide(L)'
_entity_poly.pdbx_seq_one_letter_code
;SPLHPRQSSNTNPAIYQAISVLSQQIHVNIPELNTLQASGGATDLTVGNELDELTDAFTLAAATIANTAVSSGDTTNFPT
NDDISITYAVALQLVASTASGLKQVNSLTTYSTMMSDLDPAIAALHVALNRTLPNSINLVRVMMLDAQQFLTQAGLTQSR
ASLGFA
;
_entity_poly.pdbx_strand_id   A,B
#
loop_
_chem_comp.id
_chem_comp.type
_chem_comp.name
_chem_comp.formula
CA non-polymer 'CALCIUM ION' 'Ca 2'
EDO non-polymer 1,2-ETHANEDIOL 'C2 H6 O2'
IMD non-polymer IMIDAZOLE 'C3 H5 N2 1'
#
# COMPACT_ATOMS: atom_id res chain seq x y z
N SER A 8 -13.02 -18.81 20.26
CA SER A 8 -14.14 -19.75 20.41
C SER A 8 -15.34 -19.33 19.56
N SER A 9 -15.51 -18.04 19.36
CA SER A 9 -16.40 -17.53 18.32
C SER A 9 -15.60 -16.63 17.38
N ASN A 10 -16.24 -16.25 16.29
CA ASN A 10 -15.60 -15.41 15.28
C ASN A 10 -15.63 -13.96 15.72
N THR A 11 -14.45 -13.36 15.95
CA THR A 11 -14.34 -11.93 16.22
C THR A 11 -13.60 -11.20 15.10
N ASN A 12 -13.47 -11.82 13.92
CA ASN A 12 -12.85 -11.15 12.78
C ASN A 12 -13.49 -9.80 12.46
N PRO A 13 -14.82 -9.62 12.49
CA PRO A 13 -15.36 -8.28 12.22
C PRO A 13 -14.81 -7.20 13.13
N ALA A 14 -14.70 -7.46 14.44
CA ALA A 14 -14.16 -6.46 15.35
C ALA A 14 -12.68 -6.21 15.09
N ILE A 15 -11.93 -7.28 14.79
CA ILE A 15 -10.52 -7.13 14.46
C ILE A 15 -10.36 -6.31 13.19
N TYR A 16 -11.13 -6.65 12.16
CA TYR A 16 -11.05 -5.89 10.91
C TYR A 16 -11.40 -4.43 11.11
N GLN A 17 -12.42 -4.14 11.92
CA GLN A 17 -12.76 -2.75 12.23
C GLN A 17 -11.57 -1.99 12.79
N ALA A 18 -10.86 -2.58 13.76
CA ALA A 18 -9.71 -1.88 14.33
C ALA A 18 -8.60 -1.68 13.30
N ILE A 19 -8.34 -2.70 12.49
CA ILE A 19 -7.31 -2.59 11.47
C ILE A 19 -7.73 -1.56 10.42
N SER A 20 -9.02 -1.53 10.08
CA SER A 20 -9.53 -0.56 9.11
C SER A 20 -9.36 0.86 9.61
N VAL A 21 -9.71 1.10 10.88
CA VAL A 21 -9.52 2.42 11.47
C VAL A 21 -8.06 2.83 11.39
N LEU A 22 -7.17 1.91 11.75
CA LEU A 22 -5.74 2.19 11.71
C LEU A 22 -5.29 2.50 10.28
N SER A 23 -5.71 1.67 9.31
CA SER A 23 -5.33 1.92 7.93
C SER A 23 -5.83 3.29 7.46
N GLN A 24 -7.05 3.67 7.84
CA GLN A 24 -7.57 4.96 7.43
C GLN A 24 -6.71 6.09 7.97
N GLN A 25 -6.27 5.98 9.22
CA GLN A 25 -5.39 6.99 9.79
C GLN A 25 -4.06 7.02 9.05
N ILE A 26 -3.50 5.86 8.77
CA ILE A 26 -2.24 5.78 8.03
C ILE A 26 -2.38 6.44 6.66
N HIS A 27 -3.53 6.29 6.01
CA HIS A 27 -3.72 6.90 4.70
C HIS A 27 -3.93 8.39 4.78
N VAL A 28 -4.00 8.94 5.98
CA VAL A 28 -3.95 10.39 6.17
C VAL A 28 -2.52 10.85 6.46
N ASN A 29 -1.87 10.25 7.46
CA ASN A 29 -0.57 10.77 7.92
C ASN A 29 0.53 10.51 6.90
N ILE A 30 0.54 9.37 6.25
CA ILE A 30 1.65 9.08 5.34
C ILE A 30 1.64 9.99 4.11
N PRO A 31 0.50 10.19 3.44
CA PRO A 31 0.51 11.17 2.34
C PRO A 31 0.94 12.57 2.80
N GLU A 32 0.55 12.99 4.00
CA GLU A 32 0.99 14.30 4.50
C GLU A 32 2.50 14.33 4.67
N LEU A 33 3.08 13.27 5.23
CA LEU A 33 4.53 13.20 5.37
C LEU A 33 5.22 13.21 4.02
N ASN A 34 4.63 12.54 3.02
CA ASN A 34 5.25 12.53 1.69
C ASN A 34 5.27 13.92 1.09
N THR A 35 4.16 14.65 1.23
CA THR A 35 4.11 16.02 0.69
C THR A 35 5.01 16.95 1.48
N LEU A 36 5.04 16.82 2.81
CA LEU A 36 5.98 17.62 3.61
C LEU A 36 7.41 17.42 3.13
N GLN A 37 7.82 16.17 2.93
CA GLN A 37 9.19 15.89 2.55
C GLN A 37 9.48 16.40 1.14
N ALA A 38 8.55 16.19 0.22
CA ALA A 38 8.78 16.61 -1.16
C ALA A 38 8.83 18.14 -1.28
N SER A 39 8.08 18.85 -0.44
CA SER A 39 7.99 20.30 -0.55
C SER A 39 9.02 21.03 0.29
N GLY A 40 9.86 20.31 1.03
CA GLY A 40 10.80 20.96 1.92
C GLY A 40 10.20 21.47 3.21
N GLY A 41 8.99 21.05 3.55
CA GLY A 41 8.34 21.47 4.77
C GLY A 41 8.54 20.54 5.94
N ALA A 42 9.26 19.44 5.74
CA ALA A 42 9.48 18.46 6.79
C ALA A 42 10.44 19.02 7.83
N THR A 43 9.94 19.22 9.05
CA THR A 43 10.73 19.66 10.19
C THR A 43 10.42 18.80 11.40
N ASP A 44 11.24 18.96 12.44
CA ASP A 44 10.97 18.25 13.70
C ASP A 44 9.52 18.41 14.11
N LEU A 45 8.95 19.60 13.90
CA LEU A 45 7.59 19.83 14.36
C LEU A 45 6.57 19.19 13.42
N THR A 46 6.70 19.39 12.11
CA THR A 46 5.66 18.91 11.21
C THR A 46 5.71 17.39 11.10
N VAL A 47 6.91 16.82 11.06
CA VAL A 47 7.04 15.36 11.04
C VAL A 47 6.57 14.78 12.37
N GLY A 48 6.98 15.41 13.48
CA GLY A 48 6.61 14.92 14.79
C GLY A 48 5.11 14.88 15.02
N ASN A 49 4.39 15.89 14.50
CA ASN A 49 2.95 15.91 14.67
C ASN A 49 2.30 14.73 13.95
N GLU A 50 2.77 14.42 12.74
CA GLU A 50 2.22 13.28 12.01
C GLU A 50 2.58 11.96 12.67
N LEU A 51 3.82 11.83 13.15
CA LEU A 51 4.24 10.57 13.76
C LEU A 51 3.60 10.36 15.12
N ASP A 52 3.28 11.46 15.83
CA ASP A 52 2.54 11.32 17.08
C ASP A 52 1.15 10.75 16.83
N GLU A 53 0.47 11.23 15.78
CA GLU A 53 -0.85 10.69 15.44
C GLU A 53 -0.74 9.24 15.02
N LEU A 54 0.29 8.90 14.24
CA LEU A 54 0.49 7.51 13.83
C LEU A 54 0.73 6.61 15.03
N THR A 55 1.63 7.02 15.92
CA THR A 55 1.91 6.23 17.13
C THR A 55 0.66 6.03 17.96
N ASP A 56 -0.15 7.09 18.12
CA ASP A 56 -1.41 6.96 18.84
C ASP A 56 -2.33 5.97 18.17
N ALA A 57 -2.40 5.99 16.83
CA ALA A 57 -3.31 5.10 16.12
C ALA A 57 -2.89 3.64 16.28
N PHE A 58 -1.59 3.36 16.24
CA PHE A 58 -1.13 1.98 16.50
C PHE A 58 -1.41 1.56 17.93
N THR A 59 -1.18 2.47 18.89
CA THR A 59 -1.46 2.13 20.27
C THR A 59 -2.93 1.81 20.48
N LEU A 60 -3.81 2.59 19.85
CA LEU A 60 -5.24 2.37 20.01
C LEU A 60 -5.67 1.07 19.35
N ALA A 61 -5.15 0.80 18.15
CA ALA A 61 -5.48 -0.46 17.48
C ALA A 61 -5.01 -1.65 18.30
N ALA A 62 -3.81 -1.57 18.88
CA ALA A 62 -3.29 -2.69 19.66
C ALA A 62 -4.14 -2.92 20.90
N ALA A 63 -4.56 -1.84 21.56
CA ALA A 63 -5.39 -1.97 22.75
C ALA A 63 -6.75 -2.54 22.40
N THR A 64 -7.34 -2.08 21.31
CA THR A 64 -8.66 -2.55 20.91
C THR A 64 -8.63 -4.05 20.63
N ILE A 65 -7.63 -4.49 19.85
CA ILE A 65 -7.52 -5.90 19.51
C ILE A 65 -7.13 -6.73 20.72
N ALA A 66 -6.24 -6.21 21.58
CA ALA A 66 -5.89 -6.94 22.79
C ALA A 66 -7.13 -7.22 23.62
N ASN A 67 -8.06 -6.26 23.69
CA ASN A 67 -9.26 -6.42 24.48
C ASN A 67 -10.34 -7.23 23.77
N THR A 68 -10.13 -7.57 22.51
CA THR A 68 -11.07 -8.40 21.78
C THR A 68 -10.80 -9.87 22.05
N ALA A 69 -11.86 -10.66 22.16
CA ALA A 69 -11.69 -12.09 22.44
C ALA A 69 -11.01 -12.77 21.27
N VAL A 70 -10.27 -13.85 21.57
CA VAL A 70 -9.59 -14.61 20.54
C VAL A 70 -10.60 -15.12 19.52
N SER A 71 -10.26 -14.98 18.24
CA SER A 71 -11.17 -15.35 17.18
C SER A 71 -10.96 -16.80 16.76
N SER A 72 -12.07 -17.49 16.50
CA SER A 72 -11.98 -18.76 15.80
C SER A 72 -11.60 -18.60 14.34
N GLY A 73 -11.71 -17.38 13.80
CA GLY A 73 -11.36 -17.11 12.43
C GLY A 73 -12.50 -17.37 11.46
N ASP A 74 -12.26 -16.98 10.21
CA ASP A 74 -13.21 -17.20 9.12
C ASP A 74 -12.41 -17.19 7.83
N THR A 75 -12.45 -18.27 7.07
CA THR A 75 -11.73 -18.32 5.81
C THR A 75 -12.64 -18.24 4.60
N THR A 76 -13.94 -18.08 4.80
CA THR A 76 -14.89 -18.07 3.70
C THR A 76 -15.61 -16.75 3.51
N ASN A 77 -16.04 -16.08 4.57
CA ASN A 77 -16.84 -14.87 4.47
C ASN A 77 -16.06 -13.64 4.90
N PHE A 78 -16.26 -12.56 4.16
CA PHE A 78 -15.64 -11.28 4.52
C PHE A 78 -16.09 -10.84 5.92
N PRO A 79 -15.18 -10.35 6.78
CA PRO A 79 -13.72 -10.26 6.59
C PRO A 79 -13.04 -11.55 6.98
N THR A 80 -12.33 -12.16 6.04
CA THR A 80 -11.60 -13.39 6.29
C THR A 80 -10.31 -13.09 7.04
N ASN A 81 -9.67 -14.16 7.53
CA ASN A 81 -8.33 -14.01 8.10
C ASN A 81 -7.42 -13.27 7.14
N ASP A 82 -7.45 -13.65 5.86
CA ASP A 82 -6.57 -13.04 4.89
C ASP A 82 -6.95 -11.59 4.61
N ASP A 83 -8.25 -11.25 4.62
CA ASP A 83 -8.66 -9.85 4.47
C ASP A 83 -8.02 -8.98 5.53
N ILE A 84 -7.98 -9.47 6.76
CA ILE A 84 -7.38 -8.71 7.85
C ILE A 84 -5.88 -8.56 7.63
N SER A 85 -5.18 -9.67 7.38
CA SER A 85 -3.73 -9.63 7.19
C SER A 85 -3.35 -8.73 6.02
N ILE A 86 -4.08 -8.85 4.91
CA ILE A 86 -3.74 -8.05 3.72
C ILE A 86 -3.99 -6.57 3.96
N THR A 87 -5.15 -6.23 4.54
CA THR A 87 -5.43 -4.83 4.82
C THR A 87 -4.37 -4.23 5.73
N TYR A 88 -3.97 -4.97 6.78
CA TYR A 88 -2.91 -4.47 7.64
C TYR A 88 -1.57 -4.37 6.91
N ALA A 89 -1.22 -5.40 6.13
CA ALA A 89 0.11 -5.45 5.51
C ALA A 89 0.30 -4.28 4.55
N VAL A 90 -0.74 -3.92 3.79
CA VAL A 90 -0.59 -2.83 2.85
C VAL A 90 -0.37 -1.52 3.61
N ALA A 91 -1.09 -1.33 4.72
CA ALA A 91 -0.87 -0.12 5.53
C ALA A 91 0.53 -0.11 6.15
N LEU A 92 1.01 -1.27 6.63
CA LEU A 92 2.34 -1.29 7.23
C LEU A 92 3.43 -1.03 6.20
N GLN A 93 3.29 -1.56 4.98
CA GLN A 93 4.26 -1.23 3.94
C GLN A 93 4.33 0.28 3.71
N LEU A 94 3.16 0.93 3.69
CA LEU A 94 3.13 2.40 3.57
C LEU A 94 3.92 3.07 4.68
N VAL A 95 3.70 2.64 5.92
CA VAL A 95 4.39 3.23 7.06
C VAL A 95 5.89 2.99 6.94
N ALA A 96 6.28 1.75 6.63
CA ALA A 96 7.69 1.37 6.61
C ALA A 96 8.47 2.16 5.57
N SER A 97 7.95 2.27 4.35
CA SER A 97 8.72 2.94 3.30
C SER A 97 8.85 4.43 3.59
N THR A 98 7.81 5.03 4.14
CA THR A 98 7.89 6.45 4.48
C THR A 98 8.78 6.71 5.69
N ALA A 99 8.68 5.87 6.72
CA ALA A 99 9.57 5.99 7.88
C ALA A 99 11.03 5.92 7.46
N SER A 100 11.36 4.95 6.59
CA SER A 100 12.72 4.81 6.09
C SER A 100 13.15 6.04 5.32
N GLY A 101 12.30 6.51 4.40
CA GLY A 101 12.63 7.65 3.55
C GLY A 101 12.81 8.95 4.30
N LEU A 102 12.22 9.07 5.49
CA LEU A 102 12.36 10.30 6.28
C LEU A 102 13.72 10.41 6.96
N LYS A 103 14.49 9.32 7.01
CA LYS A 103 15.77 9.35 7.72
C LYS A 103 16.73 10.33 7.08
N GLN A 104 16.57 10.58 5.78
CA GLN A 104 17.48 11.43 5.02
C GLN A 104 17.16 12.91 5.12
N VAL A 105 16.10 13.29 5.85
CA VAL A 105 15.73 14.70 5.97
C VAL A 105 16.70 15.39 6.93
N ASN A 106 17.54 16.29 6.39
CA ASN A 106 18.60 16.91 7.18
C ASN A 106 18.06 17.79 8.30
N SER A 107 16.91 18.42 8.08
CA SER A 107 16.34 19.30 9.09
C SER A 107 16.06 18.58 10.40
N LEU A 108 15.79 17.28 10.34
CA LEU A 108 15.37 16.60 11.55
C LEU A 108 16.52 16.44 12.53
N THR A 109 16.20 16.54 13.81
CA THR A 109 17.14 16.20 14.87
C THR A 109 16.53 15.19 15.83
N THR A 110 15.37 14.60 15.48
CA THR A 110 14.64 13.76 16.41
C THR A 110 14.26 12.43 15.77
N TYR A 111 14.87 12.09 14.62
CA TYR A 111 14.41 10.93 13.86
C TYR A 111 14.42 9.66 14.69
N SER A 112 15.57 9.35 15.31
CA SER A 112 15.71 8.10 16.06
C SER A 112 14.69 8.03 17.19
N THR A 113 14.36 9.19 17.77
CA THR A 113 13.44 9.26 18.88
C THR A 113 12.02 8.96 18.43
N MET A 114 11.62 9.59 17.32
CA MET A 114 10.28 9.40 16.78
C MET A 114 10.08 7.92 16.47
N MET A 115 11.11 7.28 15.91
CA MET A 115 11.00 5.87 15.55
C MET A 115 10.99 5.00 16.79
N SER A 116 11.76 5.39 17.82
CA SER A 116 11.79 4.59 19.05
C SER A 116 10.47 4.65 19.79
N ASP A 117 9.70 5.73 19.60
CA ASP A 117 8.36 5.81 20.16
C ASP A 117 7.37 5.01 19.33
N LEU A 118 7.56 5.02 18.01
CA LEU A 118 6.66 4.31 17.10
C LEU A 118 6.83 2.80 17.20
N ASP A 119 8.08 2.33 17.30
CA ASP A 119 8.39 0.90 17.26
C ASP A 119 7.61 0.05 18.27
N PRO A 120 7.57 0.36 19.58
CA PRO A 120 6.80 -0.50 20.48
C PRO A 120 5.30 -0.49 20.20
N ALA A 121 4.77 0.61 19.64
CA ALA A 121 3.35 0.69 19.32
C ALA A 121 3.02 -0.26 18.17
N ILE A 122 3.84 -0.25 17.12
CA ILE A 122 3.64 -1.19 16.01
C ILE A 122 3.81 -2.62 16.51
N ALA A 123 4.88 -2.88 17.29
CA ALA A 123 5.11 -4.24 17.79
C ALA A 123 3.97 -4.72 18.67
N ALA A 124 3.41 -3.85 19.51
CA ALA A 124 2.26 -4.23 20.33
C ALA A 124 1.07 -4.64 19.46
N LEU A 125 0.85 -3.92 18.37
CA LEU A 125 -0.18 -4.32 17.41
C LEU A 125 0.08 -5.71 16.86
N HIS A 126 1.31 -5.97 16.42
CA HIS A 126 1.64 -7.28 15.84
C HIS A 126 1.38 -8.39 16.82
N VAL A 127 1.78 -8.20 18.08
CA VAL A 127 1.56 -9.21 19.12
C VAL A 127 0.07 -9.40 19.39
N ALA A 128 -0.65 -8.30 19.55
CA ALA A 128 -2.10 -8.39 19.78
C ALA A 128 -2.80 -9.06 18.61
N LEU A 129 -2.43 -8.69 17.38
CA LEU A 129 -3.10 -9.26 16.22
C LEU A 129 -2.80 -10.76 16.10
N ASN A 130 -1.53 -11.14 16.28
CA ASN A 130 -1.20 -12.56 16.10
C ASN A 130 -1.69 -13.43 17.23
N ARG A 131 -1.99 -12.86 18.40
CA ARG A 131 -2.58 -13.64 19.49
C ARG A 131 -4.10 -13.67 19.41
N THR A 132 -4.73 -12.59 18.97
CA THR A 132 -6.19 -12.54 18.90
C THR A 132 -6.73 -13.23 17.67
N LEU A 133 -6.02 -13.16 16.55
CA LEU A 133 -6.32 -13.99 15.39
C LEU A 133 -5.09 -14.83 15.10
N PRO A 134 -5.01 -16.04 15.67
CA PRO A 134 -3.74 -16.78 15.66
C PRO A 134 -3.20 -16.98 14.26
N ASN A 135 -1.92 -16.62 14.09
CA ASN A 135 -1.10 -16.78 12.89
C ASN A 135 -1.50 -15.84 11.77
N SER A 136 -2.34 -14.84 12.05
CA SER A 136 -2.66 -13.83 11.06
C SER A 136 -1.44 -13.00 10.68
N ILE A 137 -0.40 -12.99 11.52
CA ILE A 137 0.78 -12.21 11.16
C ILE A 137 1.59 -12.88 10.05
N ASN A 138 1.35 -14.18 9.79
CA ASN A 138 2.20 -14.90 8.84
C ASN A 138 2.09 -14.30 7.44
N LEU A 139 0.88 -14.01 6.98
CA LEU A 139 0.75 -13.46 5.64
C LEU A 139 1.23 -12.03 5.59
N VAL A 140 1.14 -11.31 6.71
CA VAL A 140 1.74 -9.98 6.80
C VAL A 140 3.24 -10.07 6.57
N ARG A 141 3.90 -11.04 7.22
CA ARG A 141 5.34 -11.21 7.05
C ARG A 141 5.67 -11.50 5.59
N VAL A 142 4.90 -12.38 4.95
CA VAL A 142 5.15 -12.71 3.55
C VAL A 142 5.09 -11.45 2.69
N MET A 143 4.07 -10.61 2.91
CA MET A 143 3.92 -9.36 2.15
C MET A 143 4.99 -8.34 2.48
N MET A 144 5.68 -8.49 3.61
CA MET A 144 6.76 -7.60 4.04
C MET A 144 8.14 -8.15 3.69
N LEU A 145 8.23 -9.22 2.87
CA LEU A 145 9.51 -9.89 2.69
C LEU A 145 10.59 -8.94 2.18
N ASP A 146 10.21 -7.96 1.35
CA ASP A 146 11.16 -6.96 0.89
C ASP A 146 11.10 -5.67 1.68
N ALA A 147 9.89 -5.26 2.09
CA ALA A 147 9.73 -4.01 2.82
C ALA A 147 10.29 -4.07 4.24
N GLN A 148 10.64 -5.25 4.75
CA GLN A 148 11.27 -5.28 6.06
C GLN A 148 12.62 -4.60 6.07
N GLN A 149 13.23 -4.41 4.89
CA GLN A 149 14.46 -3.63 4.80
C GLN A 149 14.22 -2.19 5.23
N PHE A 150 13.05 -1.65 4.91
CA PHE A 150 12.72 -0.30 5.37
C PHE A 150 12.62 -0.24 6.90
N LEU A 151 12.07 -1.27 7.52
CA LEU A 151 12.01 -1.30 8.99
C LEU A 151 13.40 -1.25 9.59
N THR A 152 14.33 -2.02 9.01
CA THR A 152 15.70 -2.05 9.52
C THR A 152 16.34 -0.67 9.40
N GLN A 153 16.20 -0.04 8.22
CA GLN A 153 16.80 1.29 8.03
C GLN A 153 16.20 2.30 8.99
N ALA A 154 14.89 2.19 9.27
CA ALA A 154 14.23 3.10 10.20
C ALA A 154 14.53 2.79 11.66
N GLY A 155 15.20 1.67 11.95
CA GLY A 155 15.42 1.28 13.33
C GLY A 155 14.20 0.72 14.01
N LEU A 156 13.21 0.28 13.23
CA LEU A 156 11.97 -0.26 13.76
C LEU A 156 12.14 -1.75 14.04
N THR A 157 13.06 -2.05 14.96
CA THR A 157 13.53 -3.41 15.11
C THR A 157 12.52 -4.32 15.81
N GLN A 158 11.75 -3.79 16.77
CA GLN A 158 10.72 -4.62 17.39
C GLN A 158 9.58 -4.87 16.42
N SER A 159 9.23 -3.86 15.61
CA SER A 159 8.24 -4.03 14.54
C SER A 159 8.62 -5.17 13.61
N ARG A 160 9.89 -5.21 13.21
CA ARG A 160 10.36 -6.21 12.27
C ARG A 160 10.41 -7.59 12.94
N ALA A 161 10.94 -7.66 14.17
CA ALA A 161 11.05 -8.95 14.85
C ALA A 161 9.68 -9.55 15.14
N SER A 162 8.70 -8.71 15.48
CA SER A 162 7.39 -9.24 15.86
C SER A 162 6.59 -9.70 14.65
N LEU A 163 7.05 -9.39 13.44
CA LEU A 163 6.49 -10.00 12.23
C LEU A 163 6.99 -11.43 12.04
N GLY A 164 8.13 -11.76 12.62
CA GLY A 164 8.74 -13.07 12.42
C GLY A 164 10.10 -13.03 11.74
N PHE A 165 10.64 -11.87 11.40
CA PHE A 165 11.94 -11.81 10.75
C PHE A 165 13.07 -12.03 11.75
N ALA A 166 14.06 -12.80 11.34
CA ALA A 166 15.22 -13.10 12.18
C ALA A 166 16.29 -12.04 12.01
N GLN B 7 -21.51 19.29 -8.88
CA GLN B 7 -22.81 18.73 -9.24
C GLN B 7 -22.65 17.70 -10.39
N SER B 8 -23.47 17.82 -11.44
CA SER B 8 -23.34 16.93 -12.59
C SER B 8 -21.94 16.98 -13.19
N SER B 9 -21.24 18.09 -13.04
CA SER B 9 -19.91 18.21 -13.62
C SER B 9 -18.84 17.46 -12.84
N ASN B 10 -19.11 17.13 -11.59
CA ASN B 10 -18.17 16.38 -10.75
C ASN B 10 -18.37 14.89 -11.00
N THR B 11 -17.41 14.26 -11.68
CA THR B 11 -17.48 12.82 -11.91
C THR B 11 -16.53 12.03 -11.00
N ASN B 12 -16.04 12.66 -9.92
CA ASN B 12 -15.18 11.95 -8.97
C ASN B 12 -15.80 10.66 -8.43
N PRO B 13 -17.09 10.59 -8.09
CA PRO B 13 -17.65 9.30 -7.63
C PRO B 13 -17.40 8.16 -8.60
N ALA B 14 -17.57 8.40 -9.91
CA ALA B 14 -17.33 7.35 -10.89
C ALA B 14 -15.85 7.02 -11.01
N ILE B 15 -15.01 8.05 -10.97
CA ILE B 15 -13.56 7.82 -11.04
C ILE B 15 -13.10 7.02 -9.83
N TYR B 16 -13.47 7.48 -8.62
CA TYR B 16 -13.07 6.78 -7.40
C TYR B 16 -13.56 5.35 -7.40
N GLN B 17 -14.78 5.12 -7.91
CA GLN B 17 -15.29 3.75 -7.95
C GLN B 17 -14.43 2.87 -8.83
N ALA B 18 -14.01 3.38 -10.00
CA ALA B 18 -13.16 2.60 -10.88
C ALA B 18 -11.80 2.33 -10.24
N ILE B 19 -11.23 3.33 -9.57
CA ILE B 19 -9.95 3.16 -8.88
C ILE B 19 -10.11 2.17 -7.72
N SER B 20 -11.24 2.26 -7.01
CA SER B 20 -11.48 1.35 -5.89
C SER B 20 -11.61 -0.10 -6.35
N VAL B 21 -12.33 -0.33 -7.46
CA VAL B 21 -12.43 -1.67 -8.03
C VAL B 21 -11.05 -2.21 -8.41
N LEU B 22 -10.23 -1.35 -9.03
CA LEU B 22 -8.87 -1.74 -9.39
C LEU B 22 -8.06 -2.08 -8.15
N SER B 23 -8.11 -1.21 -7.14
CA SER B 23 -7.39 -1.46 -5.90
C SER B 23 -7.83 -2.78 -5.26
N GLN B 24 -9.13 -3.06 -5.24
CA GLN B 24 -9.60 -4.33 -4.69
C GLN B 24 -8.99 -5.52 -5.44
N GLN B 25 -8.89 -5.43 -6.76
CA GLN B 25 -8.31 -6.53 -7.52
C GLN B 25 -6.81 -6.67 -7.25
N ILE B 26 -6.11 -5.54 -7.12
CA ILE B 26 -4.68 -5.58 -6.81
C ILE B 26 -4.46 -6.24 -5.45
N HIS B 27 -5.37 -5.99 -4.50
CA HIS B 27 -5.29 -6.61 -3.18
C HIS B 27 -5.60 -8.10 -3.20
N VAL B 28 -6.01 -8.64 -4.34
CA VAL B 28 -6.13 -10.08 -4.53
C VAL B 28 -4.90 -10.65 -5.22
N ASN B 29 -4.53 -10.08 -6.38
CA ASN B 29 -3.46 -10.67 -7.17
C ASN B 29 -2.10 -10.47 -6.53
N ILE B 30 -1.84 -9.32 -5.91
CA ILE B 30 -0.49 -9.11 -5.38
C ILE B 30 -0.20 -10.04 -4.22
N PRO B 31 -1.09 -10.19 -3.21
CA PRO B 31 -0.80 -11.19 -2.16
C PRO B 31 -0.65 -12.60 -2.69
N GLU B 32 -1.41 -12.98 -3.71
CA GLU B 32 -1.21 -14.30 -4.30
C GLU B 32 0.18 -14.44 -4.91
N LEU B 33 0.64 -13.41 -5.63
CA LEU B 33 2.00 -13.45 -6.18
C LEU B 33 3.03 -13.53 -5.06
N ASN B 34 2.79 -12.80 -3.96
CA ASN B 34 3.72 -12.83 -2.85
C ASN B 34 3.83 -14.24 -2.27
N THR B 35 2.69 -14.91 -2.08
CA THR B 35 2.74 -16.25 -1.50
C THR B 35 3.32 -17.25 -2.50
N LEU B 36 2.99 -17.11 -3.78
CA LEU B 36 3.60 -17.97 -4.80
C LEU B 36 5.11 -17.86 -4.76
N GLN B 37 5.63 -16.63 -4.75
CA GLN B 37 7.07 -16.45 -4.69
C GLN B 37 7.66 -17.04 -3.42
N ALA B 38 7.04 -16.79 -2.27
CA ALA B 38 7.60 -17.25 -1.01
C ALA B 38 7.54 -18.76 -0.89
N SER B 39 6.55 -19.40 -1.49
CA SER B 39 6.38 -20.83 -1.36
C SER B 39 7.14 -21.62 -2.41
N GLY B 40 7.81 -20.95 -3.34
CA GLY B 40 8.43 -21.65 -4.46
C GLY B 40 7.46 -22.11 -5.52
N GLY B 41 6.20 -21.69 -5.46
CA GLY B 41 5.19 -22.02 -6.45
C GLY B 41 5.13 -21.10 -7.65
N ALA B 42 5.99 -20.09 -7.72
CA ALA B 42 5.96 -19.12 -8.80
C ALA B 42 6.56 -19.74 -10.07
N THR B 43 5.73 -19.89 -11.09
CA THR B 43 6.14 -20.37 -12.40
C THR B 43 5.58 -19.43 -13.46
N ASP B 44 6.01 -19.64 -14.71
CA ASP B 44 5.46 -18.86 -15.82
C ASP B 44 3.94 -18.96 -15.83
N LEU B 45 3.40 -20.16 -15.57
CA LEU B 45 1.96 -20.35 -15.52
C LEU B 45 1.31 -19.57 -14.38
N THR B 46 1.73 -19.84 -13.14
CA THR B 46 1.03 -19.29 -11.98
C THR B 46 1.23 -17.78 -11.88
N VAL B 47 2.43 -17.29 -12.17
CA VAL B 47 2.65 -15.85 -12.18
C VAL B 47 1.90 -15.20 -13.35
N GLY B 48 1.97 -15.83 -14.52
CA GLY B 48 1.29 -15.27 -15.68
C GLY B 48 -0.20 -15.14 -15.48
N ASN B 49 -0.81 -16.09 -14.78
CA ASN B 49 -2.24 -16.03 -14.52
C ASN B 49 -2.60 -14.85 -13.63
N GLU B 50 -1.79 -14.59 -12.60
CA GLU B 50 -2.07 -13.43 -11.75
C GLU B 50 -1.81 -12.12 -12.49
N LEU B 51 -0.72 -12.07 -13.27
CA LEU B 51 -0.42 -10.83 -13.98
C LEU B 51 -1.42 -10.55 -15.09
N ASP B 52 -1.96 -11.61 -15.72
CA ASP B 52 -3.02 -11.41 -16.70
C ASP B 52 -4.25 -10.80 -16.07
N GLU B 53 -4.62 -11.27 -14.88
CA GLU B 53 -5.75 -10.66 -14.18
C GLU B 53 -5.46 -9.20 -13.82
N LEU B 54 -4.23 -8.93 -13.35
CA LEU B 54 -3.86 -7.55 -13.05
C LEU B 54 -3.91 -6.67 -14.29
N THR B 55 -3.35 -7.17 -15.40
CA THR B 55 -3.36 -6.40 -16.63
C THR B 55 -4.78 -6.11 -17.08
N ASP B 56 -5.68 -7.10 -16.94
CA ASP B 56 -7.08 -6.89 -17.30
C ASP B 56 -7.74 -5.85 -16.40
N ALA B 57 -7.41 -5.84 -15.11
CA ALA B 57 -8.00 -4.86 -14.21
C ALA B 57 -7.54 -3.45 -14.54
N PHE B 58 -6.23 -3.26 -14.79
CA PHE B 58 -5.77 -1.94 -15.20
C PHE B 58 -6.43 -1.52 -16.51
N THR B 59 -6.59 -2.46 -17.45
CA THR B 59 -7.21 -2.12 -18.72
C THR B 59 -8.65 -1.68 -18.52
N LEU B 60 -9.39 -2.41 -17.68
CA LEU B 60 -10.77 -2.04 -17.42
C LEU B 60 -10.87 -0.70 -16.69
N ALA B 61 -9.99 -0.47 -15.72
CA ALA B 61 -10.02 0.81 -15.01
C ALA B 61 -9.73 1.96 -15.96
N ALA B 62 -8.74 1.78 -16.84
CA ALA B 62 -8.39 2.82 -17.79
C ALA B 62 -9.55 3.12 -18.73
N ALA B 63 -10.18 2.08 -19.27
CA ALA B 63 -11.29 2.27 -20.20
C ALA B 63 -12.49 2.93 -19.52
N THR B 64 -12.82 2.49 -18.31
CA THR B 64 -13.89 3.12 -17.55
C THR B 64 -13.61 4.60 -17.36
N ILE B 65 -12.39 4.93 -16.96
CA ILE B 65 -12.07 6.32 -16.65
C ILE B 65 -11.95 7.13 -17.94
N ALA B 66 -11.42 6.52 -19.01
CA ALA B 66 -11.35 7.20 -20.31
C ALA B 66 -12.74 7.52 -20.83
N ASN B 67 -13.69 6.61 -20.66
CA ASN B 67 -15.06 6.82 -21.11
C ASN B 67 -15.91 7.56 -20.09
N THR B 68 -15.30 8.06 -19.01
CA THR B 68 -15.98 8.92 -18.05
C THR B 68 -15.74 10.37 -18.48
N ALA B 69 -16.80 11.17 -18.46
CA ALA B 69 -16.64 12.58 -18.80
C ALA B 69 -15.64 13.24 -17.84
N VAL B 70 -14.89 14.22 -18.36
CA VAL B 70 -13.92 14.93 -17.55
C VAL B 70 -14.61 15.50 -16.32
N SER B 71 -13.89 15.52 -15.20
CA SER B 71 -14.44 15.91 -13.91
C SER B 71 -14.09 17.34 -13.58
N SER B 72 -15.06 18.08 -13.06
CA SER B 72 -14.75 19.38 -12.48
C SER B 72 -13.99 19.24 -11.17
N GLY B 73 -13.91 18.03 -10.61
CA GLY B 73 -13.14 17.82 -9.41
C GLY B 73 -13.90 18.17 -8.16
N ASP B 74 -13.28 17.84 -7.02
CA ASP B 74 -13.84 18.11 -5.70
C ASP B 74 -12.72 18.00 -4.68
N THR B 75 -12.58 19.01 -3.83
CA THR B 75 -11.54 19.02 -2.81
C THR B 75 -12.10 19.00 -1.40
N THR B 76 -13.41 18.99 -1.23
CA THR B 76 -13.97 19.03 0.11
C THR B 76 -14.77 17.79 0.48
N ASN B 77 -15.60 17.28 -0.43
CA ASN B 77 -16.48 16.17 -0.15
C ASN B 77 -15.94 14.86 -0.70
N PHE B 78 -16.11 13.79 0.06
CA PHE B 78 -15.66 12.47 -0.37
C PHE B 78 -16.42 12.03 -1.62
N PRO B 79 -15.75 11.43 -2.62
CA PRO B 79 -14.29 11.24 -2.74
C PRO B 79 -13.63 12.48 -3.33
N THR B 80 -12.63 13.02 -2.65
CA THR B 80 -11.91 14.18 -3.16
C THR B 80 -10.89 13.75 -4.21
N ASN B 81 -10.31 14.74 -4.89
CA ASN B 81 -9.22 14.44 -5.81
C ASN B 81 -8.12 13.68 -5.08
N ASP B 82 -7.84 14.07 -3.84
CA ASP B 82 -6.76 13.44 -3.09
C ASP B 82 -7.16 12.03 -2.66
N ASP B 83 -8.42 11.82 -2.33
CA ASP B 83 -8.89 10.45 -2.07
C ASP B 83 -8.56 9.54 -3.24
N ILE B 84 -8.81 10.02 -4.46
CA ILE B 84 -8.54 9.23 -5.64
C ILE B 84 -7.05 9.01 -5.81
N SER B 85 -6.26 10.08 -5.70
CA SER B 85 -4.83 9.97 -5.92
C SER B 85 -4.18 9.05 -4.91
N ILE B 86 -4.55 9.19 -3.63
CA ILE B 86 -3.93 8.38 -2.58
C ILE B 86 -4.32 6.91 -2.73
N THR B 87 -5.61 6.64 -2.93
CA THR B 87 -6.03 5.25 -3.10
C THR B 87 -5.29 4.60 -4.26
N TYR B 88 -5.13 5.33 -5.37
CA TYR B 88 -4.42 4.72 -6.50
C TYR B 88 -2.94 4.56 -6.19
N ALA B 89 -2.31 5.58 -5.60
CA ALA B 89 -0.87 5.52 -5.36
C ALA B 89 -0.51 4.36 -4.45
N VAL B 90 -1.32 4.11 -3.43
CA VAL B 90 -1.06 2.97 -2.54
C VAL B 90 -1.10 1.66 -3.33
N ALA B 91 -2.11 1.51 -4.19
CA ALA B 91 -2.22 0.30 -5.00
C ALA B 91 -1.05 0.17 -5.98
N LEU B 92 -0.62 1.29 -6.57
CA LEU B 92 0.48 1.25 -7.53
C LEU B 92 1.80 0.87 -6.84
N GLN B 93 2.04 1.40 -5.63
CA GLN B 93 3.23 1.00 -4.87
C GLN B 93 3.25 -0.50 -4.65
N LEU B 94 2.09 -1.07 -4.33
CA LEU B 94 1.96 -2.52 -4.15
C LEU B 94 2.34 -3.26 -5.43
N VAL B 95 1.83 -2.80 -6.58
CA VAL B 95 2.15 -3.46 -7.84
C VAL B 95 3.63 -3.30 -8.17
N ALA B 96 4.17 -2.10 -8.00
CA ALA B 96 5.54 -1.82 -8.43
C ALA B 96 6.54 -2.66 -7.64
N SER B 97 6.42 -2.68 -6.31
CA SER B 97 7.37 -3.44 -5.51
C SER B 97 7.29 -4.94 -5.81
N THR B 98 6.09 -5.46 -6.02
CA THR B 98 5.98 -6.89 -6.35
C THR B 98 6.50 -7.18 -7.75
N ALA B 99 6.20 -6.32 -8.74
CA ALA B 99 6.73 -6.53 -10.08
C ALA B 99 8.25 -6.57 -10.06
N SER B 100 8.88 -5.63 -9.35
CA SER B 100 10.33 -5.60 -9.20
C SER B 100 10.83 -6.88 -8.53
N GLY B 101 10.17 -7.31 -7.45
CA GLY B 101 10.63 -8.50 -6.74
C GLY B 101 10.52 -9.76 -7.55
N LEU B 102 9.53 -9.84 -8.46
CA LEU B 102 9.37 -11.01 -9.30
C LEU B 102 10.54 -11.20 -10.25
N LYS B 103 11.35 -10.16 -10.47
CA LYS B 103 12.53 -10.35 -11.32
C LYS B 103 13.49 -11.38 -10.73
N GLN B 104 13.43 -11.59 -9.42
CA GLN B 104 14.34 -12.51 -8.73
C GLN B 104 13.90 -13.96 -8.82
N VAL B 105 12.77 -14.26 -9.46
CA VAL B 105 12.33 -15.65 -9.61
C VAL B 105 13.07 -16.24 -10.81
N ASN B 106 14.17 -16.94 -10.56
CA ASN B 106 15.00 -17.44 -11.64
C ASN B 106 14.26 -18.44 -12.53
N SER B 107 13.23 -19.11 -12.01
CA SER B 107 12.51 -20.09 -12.82
C SER B 107 11.66 -19.47 -13.92
N LEU B 108 11.42 -18.16 -13.89
CA LEU B 108 10.60 -17.53 -14.91
C LEU B 108 11.40 -17.37 -16.19
N THR B 109 10.77 -17.70 -17.31
CA THR B 109 11.38 -17.45 -18.61
C THR B 109 10.69 -16.34 -19.39
N THR B 110 9.54 -15.85 -18.93
CA THR B 110 8.72 -14.89 -19.68
C THR B 110 8.61 -13.54 -18.96
N TYR B 111 9.51 -13.25 -18.03
CA TYR B 111 9.36 -12.08 -17.16
C TYR B 111 9.28 -10.79 -17.96
N SER B 112 10.22 -10.55 -18.87
CA SER B 112 10.21 -9.30 -19.61
C SER B 112 8.96 -9.20 -20.47
N THR B 113 8.50 -10.32 -21.04
CA THR B 113 7.29 -10.28 -21.84
C THR B 113 6.07 -9.97 -20.97
N MET B 114 6.01 -10.55 -19.77
CA MET B 114 4.89 -10.26 -18.88
C MET B 114 4.87 -8.80 -18.46
N MET B 115 6.05 -8.24 -18.13
CA MET B 115 6.13 -6.82 -17.79
C MET B 115 5.78 -5.94 -18.98
N SER B 116 6.14 -6.36 -20.19
CA SER B 116 5.87 -5.54 -21.36
C SER B 116 4.39 -5.54 -21.71
N ASP B 117 3.64 -6.55 -21.26
CA ASP B 117 2.20 -6.50 -21.43
C ASP B 117 1.52 -5.73 -20.30
N LEU B 118 2.10 -5.75 -19.09
CA LEU B 118 1.52 -5.02 -17.98
C LEU B 118 1.75 -3.51 -18.10
N ASP B 119 2.98 -3.11 -18.47
CA ASP B 119 3.35 -1.70 -18.55
C ASP B 119 2.36 -0.82 -19.31
N PRO B 120 1.89 -1.15 -20.51
CA PRO B 120 0.93 -0.26 -21.19
C PRO B 120 -0.39 -0.16 -20.45
N ALA B 121 -0.83 -1.24 -19.80
CA ALA B 121 -2.09 -1.17 -19.08
C ALA B 121 -2.01 -0.18 -17.92
N ILE B 122 -0.93 -0.23 -17.14
CA ILE B 122 -0.74 0.74 -16.06
C ILE B 122 -0.62 2.15 -16.63
N ALA B 123 0.19 2.31 -17.69
CA ALA B 123 0.41 3.64 -18.22
C ALA B 123 -0.86 4.22 -18.86
N ALA B 124 -1.65 3.36 -19.51
CA ALA B 124 -2.95 3.80 -20.02
C ALA B 124 -3.82 4.36 -18.91
N LEU B 125 -3.83 3.69 -17.76
CA LEU B 125 -4.57 4.23 -16.62
C LEU B 125 -4.02 5.59 -16.18
N HIS B 126 -2.70 5.75 -16.17
CA HIS B 126 -2.13 7.04 -15.78
C HIS B 126 -2.57 8.15 -16.72
N VAL B 127 -2.50 7.92 -18.03
CA VAL B 127 -2.87 9.01 -18.94
C VAL B 127 -4.38 9.22 -18.95
N ALA B 128 -5.16 8.15 -18.79
CA ALA B 128 -6.61 8.31 -18.68
C ALA B 128 -6.99 9.12 -17.44
N LEU B 129 -6.33 8.84 -16.32
CA LEU B 129 -6.65 9.54 -15.08
C LEU B 129 -6.20 11.00 -15.15
N ASN B 130 -5.03 11.26 -15.74
CA ASN B 130 -4.57 12.63 -15.88
C ASN B 130 -5.49 13.43 -16.80
N ARG B 131 -6.11 12.77 -17.78
CA ARG B 131 -6.99 13.46 -18.71
C ARG B 131 -8.39 13.65 -18.14
N THR B 132 -8.92 12.64 -17.44
CA THR B 132 -10.27 12.73 -16.90
C THR B 132 -10.31 13.54 -15.61
N LEU B 133 -9.24 13.52 -14.82
CA LEU B 133 -9.15 14.27 -13.58
C LEU B 133 -7.87 15.09 -13.59
N PRO B 134 -7.88 16.25 -14.24
CA PRO B 134 -6.65 17.03 -14.38
C PRO B 134 -5.95 17.24 -13.05
N ASN B 135 -4.62 17.03 -13.08
CA ASN B 135 -3.68 17.24 -11.98
C ASN B 135 -3.74 16.16 -10.90
N SER B 136 -4.56 15.13 -11.08
CA SER B 136 -4.62 14.06 -10.07
C SER B 136 -3.32 13.27 -9.96
N ILE B 137 -2.52 13.24 -11.03
CA ILE B 137 -1.31 12.44 -11.02
C ILE B 137 -0.21 13.10 -10.20
N ASN B 138 -0.32 14.41 -9.91
CA ASN B 138 0.74 15.08 -9.16
C ASN B 138 0.95 14.46 -7.78
N LEU B 139 -0.13 14.17 -7.05
CA LEU B 139 0.07 13.57 -5.73
C LEU B 139 0.49 12.11 -5.85
N VAL B 140 0.09 11.43 -6.93
CA VAL B 140 0.59 10.09 -7.18
C VAL B 140 2.10 10.12 -7.40
N ARG B 141 2.57 11.07 -8.21
CA ARG B 141 4.01 11.23 -8.42
C ARG B 141 4.75 11.44 -7.11
N VAL B 142 4.22 12.32 -6.25
CA VAL B 142 4.83 12.59 -4.97
C VAL B 142 4.91 11.33 -4.12
N MET B 143 3.84 10.54 -4.10
CA MET B 143 3.89 9.32 -3.30
C MET B 143 4.74 8.23 -3.95
N MET B 144 5.11 8.38 -5.23
CA MET B 144 5.98 7.43 -5.91
C MET B 144 7.41 7.93 -6.06
N LEU B 145 7.81 8.95 -5.32
CA LEU B 145 9.14 9.52 -5.52
C LEU B 145 10.22 8.49 -5.29
N ASP B 146 10.07 7.64 -4.27
CA ASP B 146 10.98 6.52 -4.10
C ASP B 146 10.55 5.28 -4.87
N ALA B 147 9.24 4.94 -4.83
CA ALA B 147 8.79 3.70 -5.41
C ALA B 147 8.98 3.64 -6.93
N GLN B 148 9.19 4.78 -7.59
CA GLN B 148 9.45 4.71 -9.04
C GLN B 148 10.70 3.91 -9.37
N GLN B 149 11.64 3.75 -8.41
CA GLN B 149 12.78 2.87 -8.67
C GLN B 149 12.35 1.43 -8.93
N PHE B 150 11.30 0.98 -8.24
CA PHE B 150 10.75 -0.34 -8.53
C PHE B 150 10.27 -0.45 -9.97
N LEU B 151 9.61 0.60 -10.47
CA LEU B 151 9.18 0.59 -11.86
C LEU B 151 10.39 0.47 -12.80
N THR B 152 11.44 1.23 -12.53
CA THR B 152 12.66 1.12 -13.35
C THR B 152 13.21 -0.30 -13.33
N GLN B 153 13.30 -0.89 -12.13
CA GLN B 153 13.87 -2.23 -12.02
C GLN B 153 13.01 -3.28 -12.71
N ALA B 154 11.69 -3.12 -12.71
CA ALA B 154 10.82 -4.07 -13.39
C ALA B 154 10.74 -3.82 -14.89
N GLY B 155 11.32 -2.74 -15.38
CA GLY B 155 11.18 -2.38 -16.77
C GLY B 155 9.84 -1.78 -17.11
N LEU B 156 9.14 -1.23 -16.11
CA LEU B 156 7.81 -0.63 -16.33
C LEU B 156 8.01 0.85 -16.65
N THR B 157 8.64 1.10 -17.81
CA THR B 157 9.07 2.46 -18.14
C THR B 157 7.94 3.34 -18.63
N GLN B 158 6.94 2.78 -19.32
CA GLN B 158 5.79 3.59 -19.71
C GLN B 158 5.05 4.07 -18.46
N SER B 159 4.92 3.18 -17.47
CA SER B 159 4.25 3.51 -16.22
C SER B 159 4.96 4.64 -15.51
N ARG B 160 6.30 4.60 -15.52
CA ARG B 160 7.08 5.66 -14.89
C ARG B 160 6.98 6.95 -15.68
N ALA B 161 7.07 6.87 -17.01
CA ALA B 161 7.02 8.07 -17.84
C ALA B 161 5.67 8.76 -17.73
N SER B 162 4.60 7.98 -17.61
CA SER B 162 3.26 8.54 -17.55
C SER B 162 2.93 9.13 -16.19
N LEU B 163 3.85 9.07 -15.22
CA LEU B 163 3.71 9.77 -13.97
C LEU B 163 4.38 11.15 -14.00
N GLY B 164 5.06 11.49 -15.09
CA GLY B 164 5.80 12.74 -15.13
C GLY B 164 7.23 12.64 -14.63
N PHE B 165 7.81 11.45 -14.59
CA PHE B 165 9.22 11.29 -14.28
C PHE B 165 10.04 11.32 -15.56
N ALA B 166 11.15 12.06 -15.51
CA ALA B 166 12.04 12.15 -16.67
C ALA B 166 12.80 10.83 -16.87
CA CA C . 17.89 5.86 13.63
N1 IMD D . -1.10 15.63 1.57
C2 IMD D . -2.20 14.84 1.64
N3 IMD D . -3.23 15.47 1.03
C4 IMD D . -2.79 16.66 0.58
C5 IMD D . -1.45 16.76 0.91
N1 IMD E . 3.40 0.02 23.92
C2 IMD E . 2.16 -0.44 23.65
N3 IMD E . 1.52 0.45 22.86
C4 IMD E . 2.37 1.48 22.62
C5 IMD E . 3.56 1.21 23.29
C1 EDO F . 13.17 -2.38 -0.06
O1 EDO F . 14.57 -2.10 -0.11
C2 EDO F . 12.76 -3.14 -1.32
O2 EDO F . 11.38 -3.50 -1.22
N1 IMD G . -2.65 -15.69 -1.10
C2 IMD G . -3.89 -15.64 -1.64
N3 IMD G . -4.73 -15.03 -0.76
C4 IMD G . -4.01 -14.70 0.33
C5 IMD G . -2.70 -15.12 0.12
N1 IMD H . -8.08 6.66 2.16
C2 IMD H . -9.30 6.77 1.59
N3 IMD H . -9.26 7.76 0.66
C4 IMD H . -8.01 8.27 0.65
C5 IMD H . -7.27 7.59 1.60
#